data_6V2U
#
_entry.id   6V2U
#
_cell.length_a   89.618
_cell.length_b   89.618
_cell.length_c   164.583
_cell.angle_alpha   90.000
_cell.angle_beta   90.000
_cell.angle_gamma   90.000
#
_symmetry.space_group_name_H-M   'P 41 21 2'
#
loop_
_entity.id
_entity.type
_entity.pdbx_description
1 polymer 'Serine/threonine-protein kinase B-raf'
2 non-polymer Dabrafenib
3 non-polymer 'CHLORIDE ION'
#
_entity_poly.entity_id   1
_entity_poly.type   'polypeptide(L)'
_entity_poly.pdbx_seq_one_letter_code
;GGGRDSSDDWEIPDGQITVGQRIGSGSFGTVYKGKWHGDVAVKMLNVTAPTPQQLQAFKNEVGVLRKTRHVNILLFMGYS
TKPQLAIVTQWCEGSSLYHHLHIIETKFEMIKLIDIARQTAQGMDYLHAKSIIHRDLKSNNIFLHEDLTVKIGDFGLATV
KSRWSGSHQFEQLSGSILWMAPEVIRMQDKNPYSFQSDVYAFGIVLYELMTGQLPYSNINNRDQIIFMVGRGYLSPDLSK
VRSNCPKAMKRLMAECLKKKRDERPLFPQILASIELLARSLPK
;
_entity_poly.pdbx_strand_id   A,B
#
# COMPACT_ATOMS: atom_id res chain seq x y z
N ASP A 9 -2.86 -17.46 11.03
CA ASP A 9 -3.56 -17.26 9.76
C ASP A 9 -2.60 -16.79 8.66
N TRP A 10 -1.87 -15.71 8.95
CA TRP A 10 -0.93 -15.11 8.02
C TRP A 10 0.26 -15.99 7.68
N GLU A 11 0.22 -17.25 8.10
CA GLU A 11 1.31 -18.20 7.83
C GLU A 11 1.32 -18.57 6.35
N ILE A 12 2.35 -18.16 5.65
CA ILE A 12 2.52 -18.40 4.21
C ILE A 12 3.38 -19.64 4.00
N PRO A 13 2.88 -20.67 3.30
CA PRO A 13 3.73 -21.82 2.94
C PRO A 13 4.96 -21.39 2.14
N ASP A 14 6.11 -21.96 2.51
CA ASP A 14 7.40 -21.44 2.03
C ASP A 14 7.63 -21.66 0.54
N GLY A 15 7.37 -22.87 0.04
CA GLY A 15 7.76 -23.24 -1.31
C GLY A 15 7.25 -22.29 -2.37
N GLN A 16 6.19 -21.55 -2.04
CA GLN A 16 5.73 -20.47 -2.90
C GLN A 16 6.71 -19.31 -2.92
N ILE A 17 7.47 -19.12 -1.83
CA ILE A 17 8.37 -17.97 -1.73
C ILE A 17 9.64 -18.31 -2.48
N THR A 18 9.83 -17.71 -3.65
CA THR A 18 11.08 -17.80 -4.38
C THR A 18 12.00 -16.72 -3.84
N VAL A 19 13.04 -17.12 -3.12
CA VAL A 19 13.97 -16.16 -2.53
C VAL A 19 15.00 -15.78 -3.59
N GLY A 20 15.23 -14.48 -3.73
CA GLY A 20 16.15 -14.01 -4.76
C GLY A 20 17.48 -13.54 -4.21
N GLN A 21 17.92 -12.37 -4.66
CA GLN A 21 19.23 -11.86 -4.30
C GLN A 21 19.17 -11.10 -2.98
N ARG A 22 20.32 -11.07 -2.30
CA ARG A 22 20.41 -10.42 -1.00
C ARG A 22 20.47 -8.91 -1.17
N ILE A 23 19.69 -8.19 -0.36
CA ILE A 23 19.68 -6.74 -0.37
C ILE A 23 20.55 -6.17 0.75
N GLY A 24 20.49 -6.77 1.92
CA GLY A 24 21.36 -6.41 3.02
C GLY A 24 20.68 -6.67 4.34
N SER A 25 21.29 -6.12 5.40
CA SER A 25 20.79 -6.29 6.75
C SER A 25 20.99 -5.00 7.54
N GLY A 26 20.18 -4.83 8.57
CA GLY A 26 20.29 -3.65 9.41
C GLY A 26 20.10 -3.91 10.88
N SER A 27 19.16 -3.21 11.49
CA SER A 27 18.82 -3.34 12.90
C SER A 27 18.00 -4.59 13.20
N PHE A 28 17.58 -5.33 12.18
CA PHE A 28 16.67 -6.45 12.38
C PHE A 28 16.73 -7.34 11.16
N GLY A 29 17.20 -8.58 11.34
CA GLY A 29 17.10 -9.56 10.28
C GLY A 29 18.05 -9.29 9.11
N THR A 30 17.85 -10.08 8.06
CA THR A 30 18.54 -9.94 6.79
C THR A 30 17.47 -9.92 5.71
N VAL A 31 17.58 -8.97 4.78
CA VAL A 31 16.51 -8.68 3.83
C VAL A 31 16.87 -9.23 2.46
N TYR A 32 15.87 -9.79 1.78
CA TYR A 32 16.03 -10.31 0.43
C TYR A 32 14.85 -9.85 -0.42
N LYS A 33 15.11 -9.64 -1.71
CA LYS A 33 14.02 -9.52 -2.67
C LYS A 33 13.47 -10.90 -2.98
N GLY A 34 12.15 -11.00 -3.09
CA GLY A 34 11.54 -12.29 -3.36
C GLY A 34 10.33 -12.21 -4.26
N LYS A 35 9.60 -13.31 -4.38
CA LYS A 35 8.37 -13.35 -5.16
C LYS A 35 7.31 -14.14 -4.41
N TRP A 36 6.14 -13.53 -4.24
CA TRP A 36 4.97 -14.22 -3.71
C TRP A 36 3.75 -13.44 -4.22
N HIS A 37 3.14 -13.94 -5.29
CA HIS A 37 2.09 -13.22 -6.01
C HIS A 37 2.57 -11.83 -6.39
N GLY A 38 3.78 -11.79 -6.94
CA GLY A 38 4.44 -10.55 -7.31
C GLY A 38 5.68 -10.31 -6.46
N ASP A 39 6.24 -9.12 -6.62
CA ASP A 39 7.46 -8.76 -5.92
C ASP A 39 7.19 -8.53 -4.44
N VAL A 40 8.01 -9.15 -3.59
CA VAL A 40 7.93 -8.97 -2.14
C VAL A 40 9.33 -8.86 -1.59
N ALA A 41 9.44 -8.26 -0.40
CA ALA A 41 10.67 -8.28 0.37
C ALA A 41 10.57 -9.38 1.42
N VAL A 42 11.66 -10.11 1.60
CA VAL A 42 11.71 -11.27 2.48
C VAL A 42 12.78 -11.04 3.52
N LYS A 43 12.38 -11.01 4.78
CA LYS A 43 13.27 -10.70 5.89
C LYS A 43 13.57 -12.00 6.63
N MET A 44 14.74 -12.57 6.39
CA MET A 44 15.17 -13.77 7.08
C MET A 44 15.65 -13.45 8.50
N LEU A 45 15.39 -14.37 9.42
CA LEU A 45 15.79 -14.19 10.81
C LEU A 45 16.90 -15.16 11.23
N ASN A 46 17.27 -16.11 10.37
CA ASN A 46 18.38 -17.03 10.62
C ASN A 46 18.20 -17.80 11.92
N VAL A 47 16.97 -18.25 12.18
CA VAL A 47 16.66 -19.05 13.36
C VAL A 47 16.23 -20.42 12.87
N THR A 48 17.09 -21.41 13.06
CA THR A 48 16.82 -22.79 12.66
C THR A 48 16.26 -23.55 13.86
N ALA A 49 15.13 -24.24 13.64
CA ALA A 49 14.46 -25.03 14.67
C ALA A 49 14.17 -24.18 15.91
N PRO A 50 13.14 -23.36 15.89
CA PRO A 50 12.91 -22.43 17.00
C PRO A 50 12.41 -23.15 18.25
N THR A 51 12.96 -22.76 19.39
CA THR A 51 12.44 -23.20 20.67
C THR A 51 11.13 -22.46 20.98
N PRO A 52 10.18 -23.10 21.66
CA PRO A 52 8.90 -22.43 21.99
C PRO A 52 9.06 -21.02 22.56
N GLN A 53 10.15 -20.73 23.25
CA GLN A 53 10.39 -19.36 23.70
C GLN A 53 10.85 -18.45 22.59
N GLN A 54 11.27 -18.99 21.45
CA GLN A 54 11.56 -18.22 20.25
C GLN A 54 10.40 -18.16 19.26
N LEU A 55 9.63 -19.23 19.15
CA LEU A 55 8.43 -19.18 18.30
C LEU A 55 7.42 -18.16 18.84
N GLN A 56 7.22 -18.12 20.15
CA GLN A 56 6.31 -17.13 20.73
C GLN A 56 6.87 -15.73 20.58
N ALA A 57 8.19 -15.56 20.77
CA ALA A 57 8.82 -14.27 20.52
C ALA A 57 8.67 -13.84 19.06
N PHE A 58 8.70 -14.80 18.14
CA PHE A 58 8.48 -14.48 16.73
C PHE A 58 7.04 -14.06 16.50
N LYS A 59 6.08 -14.79 17.05
CA LYS A 59 4.67 -14.42 16.93
C LYS A 59 4.35 -13.12 17.64
N ASN A 60 5.13 -12.75 18.66
CA ASN A 60 4.94 -11.44 19.29
C ASN A 60 5.34 -10.32 18.34
N GLU A 61 6.45 -10.52 17.61
CA GLU A 61 6.85 -9.55 16.59
C GLU A 61 5.85 -9.50 15.44
N VAL A 62 5.40 -10.66 14.98
CA VAL A 62 4.37 -10.71 13.96
C VAL A 62 3.11 -10.01 14.43
N GLY A 63 2.73 -10.23 15.70
CA GLY A 63 1.55 -9.59 16.24
C GLY A 63 1.64 -8.07 16.23
N VAL A 64 2.84 -7.53 16.35
CA VAL A 64 3.02 -6.08 16.32
C VAL A 64 2.94 -5.56 14.90
N LEU A 65 3.63 -6.23 13.96
CA LEU A 65 3.59 -5.81 12.56
C LEU A 65 2.18 -5.99 11.99
N ARG A 66 1.49 -7.06 12.38
CA ARG A 66 0.13 -7.30 11.89
C ARG A 66 -0.79 -6.15 12.20
N LYS A 67 -0.53 -5.41 13.29
CA LYS A 67 -1.43 -4.35 13.75
C LYS A 67 -1.33 -3.08 12.91
N THR A 68 -0.52 -3.07 11.87
CA THR A 68 -0.29 -1.88 11.06
C THR A 68 -0.93 -2.06 9.69
N ARG A 69 -1.90 -1.21 9.38
CA ARG A 69 -2.48 -1.09 8.04
C ARG A 69 -2.57 0.39 7.73
N HIS A 70 -1.59 0.91 6.99
CA HIS A 70 -1.53 2.32 6.65
C HIS A 70 -0.69 2.50 5.40
N VAL A 71 -1.14 3.41 4.53
CA VAL A 71 -0.48 3.63 3.25
C VAL A 71 0.92 4.23 3.39
N ASN A 72 1.29 4.66 4.59
CA ASN A 72 2.61 5.22 4.84
C ASN A 72 3.49 4.30 5.69
N ILE A 73 2.99 3.14 6.08
CA ILE A 73 3.75 2.14 6.82
C ILE A 73 3.98 0.95 5.90
N LEU A 74 5.17 0.37 5.96
CA LEU A 74 5.51 -0.76 5.11
C LEU A 74 4.52 -1.90 5.30
N LEU A 75 3.97 -2.41 4.20
CA LEU A 75 2.87 -3.36 4.25
C LEU A 75 3.37 -4.75 4.62
N PHE A 76 3.08 -5.16 5.86
CA PHE A 76 3.27 -6.55 6.25
C PHE A 76 2.32 -7.45 5.45
N MET A 77 2.84 -8.57 4.97
CA MET A 77 2.05 -9.46 4.13
C MET A 77 1.94 -10.87 4.67
N GLY A 78 3.00 -11.42 5.25
CA GLY A 78 2.89 -12.75 5.83
C GLY A 78 4.14 -13.12 6.58
N TYR A 79 4.16 -14.37 7.05
CA TYR A 79 5.30 -14.90 7.78
C TYR A 79 5.37 -16.40 7.56
N SER A 80 6.58 -16.94 7.60
CA SER A 80 6.80 -18.38 7.49
C SER A 80 7.57 -18.88 8.70
N THR A 81 7.39 -20.16 8.98
CA THR A 81 8.15 -20.85 10.03
C THR A 81 9.04 -21.95 9.49
N LYS A 82 8.56 -22.72 8.52
CA LYS A 82 9.36 -23.66 7.75
C LYS A 82 9.69 -23.07 6.39
N PRO A 83 10.94 -23.21 5.91
CA PRO A 83 12.01 -23.92 6.63
C PRO A 83 12.70 -22.99 7.63
N GLN A 84 12.44 -21.70 7.49
CA GLN A 84 13.08 -20.67 8.31
C GLN A 84 12.02 -19.68 8.78
N LEU A 85 12.39 -18.90 9.79
CA LEU A 85 11.53 -17.87 10.33
C LEU A 85 11.75 -16.62 9.48
N ALA A 86 10.68 -16.10 8.89
CA ALA A 86 10.83 -15.02 7.92
C ALA A 86 9.54 -14.24 7.85
N ILE A 87 9.67 -12.98 7.43
CA ILE A 87 8.55 -12.05 7.31
C ILE A 87 8.51 -11.52 5.89
N VAL A 88 7.35 -11.63 5.26
CA VAL A 88 7.15 -11.18 3.89
C VAL A 88 6.41 -9.85 3.91
N THR A 89 6.95 -8.86 3.21
CA THR A 89 6.37 -7.52 3.14
C THR A 89 6.28 -7.10 1.69
N GLN A 90 5.59 -5.98 1.46
CA GLN A 90 5.54 -5.41 0.12
C GLN A 90 6.93 -4.96 -0.32
N TRP A 91 7.13 -4.93 -1.63
CA TRP A 91 8.41 -4.52 -2.20
C TRP A 91 8.32 -3.07 -2.67
N CYS A 92 9.19 -2.22 -2.14
CA CYS A 92 9.25 -0.82 -2.54
C CYS A 92 10.19 -0.67 -3.73
N GLU A 93 9.65 -0.21 -4.84
CA GLU A 93 10.45 0.06 -6.04
C GLU A 93 10.90 1.52 -6.00
N GLY A 94 12.12 1.74 -5.54
CA GLY A 94 12.65 3.08 -5.41
C GLY A 94 13.88 3.10 -4.53
N SER A 95 14.12 4.25 -3.91
CA SER A 95 15.33 4.44 -3.11
C SER A 95 15.00 5.16 -1.81
N SER A 96 15.81 4.88 -0.78
CA SER A 96 15.59 5.46 0.53
C SER A 96 15.82 6.97 0.50
N LEU A 97 15.24 7.65 1.49
CA LEU A 97 15.39 9.10 1.58
C LEU A 97 16.86 9.49 1.80
N TYR A 98 17.56 8.75 2.66
CA TYR A 98 19.00 8.93 2.80
C TYR A 98 19.69 8.84 1.45
N HIS A 99 19.32 7.85 0.64
CA HIS A 99 19.91 7.68 -0.68
C HIS A 99 19.66 8.90 -1.57
N HIS A 100 18.44 9.43 -1.55
CA HIS A 100 18.13 10.58 -2.39
C HIS A 100 18.87 11.83 -1.96
N LEU A 101 19.09 12.00 -0.66
CA LEU A 101 19.69 13.22 -0.14
C LEU A 101 21.22 13.20 -0.17
N HIS A 102 21.84 12.05 0.15
CA HIS A 102 23.28 11.99 0.33
C HIS A 102 23.98 11.00 -0.61
N ILE A 103 23.28 10.47 -1.61
CA ILE A 103 23.91 9.57 -2.56
C ILE A 103 23.64 10.04 -3.98
N ILE A 104 22.36 10.25 -4.31
CA ILE A 104 22.00 10.76 -5.63
C ILE A 104 22.05 12.29 -5.66
N GLU A 105 21.81 12.95 -4.52
CA GLU A 105 21.67 14.40 -4.45
C GLU A 105 20.51 14.87 -5.34
N THR A 106 19.36 14.21 -5.18
CA THR A 106 18.20 14.53 -6.00
C THR A 106 17.74 15.95 -5.73
N LYS A 107 17.43 16.68 -6.81
CA LYS A 107 17.01 18.07 -6.70
C LYS A 107 15.52 18.13 -6.44
N PHE A 108 15.17 17.92 -5.17
CA PHE A 108 13.80 18.08 -4.72
C PHE A 108 13.47 19.56 -4.53
N GLU A 109 12.31 19.97 -5.02
CA GLU A 109 11.82 21.30 -4.69
C GLU A 109 11.21 21.31 -3.30
N MET A 110 10.98 22.52 -2.78
CA MET A 110 10.48 22.65 -1.41
C MET A 110 9.13 21.98 -1.24
N ILE A 111 8.28 22.05 -2.28
CA ILE A 111 6.98 21.39 -2.23
C ILE A 111 7.15 19.89 -1.97
N LYS A 112 8.07 19.26 -2.71
CA LYS A 112 8.33 17.84 -2.52
C LYS A 112 8.92 17.54 -1.15
N LEU A 113 9.81 18.41 -0.66
CA LEU A 113 10.44 18.19 0.64
C LEU A 113 9.39 18.15 1.76
N ILE A 114 8.51 19.15 1.80
CA ILE A 114 7.48 19.19 2.83
C ILE A 114 6.51 18.03 2.66
N ASP A 115 6.27 17.60 1.42
CA ASP A 115 5.40 16.45 1.17
C ASP A 115 5.97 15.19 1.80
N ILE A 116 7.27 14.93 1.60
CA ILE A 116 7.90 13.77 2.21
C ILE A 116 7.78 13.81 3.73
N ALA A 117 7.99 15.00 4.30
CA ALA A 117 7.83 15.15 5.75
C ALA A 117 6.40 14.87 6.20
N ARG A 118 5.42 15.34 5.42
CA ARG A 118 4.03 15.15 5.80
C ARG A 118 3.64 13.68 5.82
N GLN A 119 4.03 12.93 4.78
CA GLN A 119 3.72 11.51 4.74
C GLN A 119 4.39 10.77 5.89
N THR A 120 5.62 11.16 6.24
CA THR A 120 6.30 10.54 7.37
C THR A 120 5.60 10.88 8.69
N ALA A 121 5.14 12.13 8.84
CA ALA A 121 4.44 12.53 10.05
C ALA A 121 3.15 11.74 10.24
N GLN A 122 2.48 11.36 9.14
CA GLN A 122 1.25 10.59 9.26
C GLN A 122 1.55 9.15 9.68
N GLY A 123 2.53 8.52 9.03
CA GLY A 123 2.93 7.18 9.44
C GLY A 123 3.35 7.13 10.90
N MET A 124 4.13 8.11 11.35
CA MET A 124 4.52 8.17 12.75
C MET A 124 3.30 8.44 13.64
N ASP A 125 2.38 9.28 13.17
CA ASP A 125 1.14 9.49 13.91
C ASP A 125 0.34 8.20 14.03
N TYR A 126 0.27 7.43 12.94
CA TYR A 126 -0.43 6.14 12.97
C TYR A 126 0.26 5.18 13.93
N LEU A 127 1.59 5.07 13.84
CA LEU A 127 2.33 4.17 14.72
C LEU A 127 2.10 4.50 16.19
N HIS A 128 2.21 5.78 16.55
CA HIS A 128 2.01 6.17 17.94
C HIS A 128 0.58 5.93 18.40
N ALA A 129 -0.39 6.13 17.50
CA ALA A 129 -1.78 5.86 17.85
C ALA A 129 -1.99 4.39 18.20
N LYS A 130 -1.32 3.50 17.48
CA LYS A 130 -1.36 2.07 17.77
C LYS A 130 -0.37 1.67 18.87
N SER A 131 0.20 2.65 19.57
CA SER A 131 1.11 2.41 20.70
C SER A 131 2.38 1.69 20.28
N ILE A 132 2.85 1.92 19.05
CA ILE A 132 4.05 1.31 18.52
C ILE A 132 5.14 2.36 18.45
N ILE A 133 6.30 2.06 19.04
CA ILE A 133 7.46 2.93 18.99
C ILE A 133 8.44 2.38 17.96
N HIS A 134 8.93 3.26 17.08
CA HIS A 134 9.84 2.82 16.01
C HIS A 134 11.20 2.42 16.59
N ARG A 135 11.82 3.32 17.35
CA ARG A 135 13.07 3.16 18.08
C ARG A 135 14.30 3.29 17.19
N ASP A 136 14.16 3.29 15.87
CA ASP A 136 15.31 3.43 14.98
C ASP A 136 14.91 4.15 13.70
N LEU A 137 14.14 5.22 13.84
CA LEU A 137 13.74 6.01 12.68
C LEU A 137 14.92 6.83 12.17
N LYS A 138 15.06 6.87 10.85
CA LYS A 138 16.13 7.60 10.19
C LYS A 138 15.82 7.64 8.71
N SER A 139 16.55 8.52 8.02
CA SER A 139 16.33 8.74 6.60
C SER A 139 16.54 7.45 5.78
N ASN A 140 17.34 6.50 6.29
CA ASN A 140 17.51 5.23 5.59
C ASN A 140 16.30 4.30 5.76
N ASN A 141 15.43 4.58 6.73
CA ASN A 141 14.23 3.79 6.96
C ASN A 141 12.99 4.43 6.35
N ILE A 142 13.16 5.51 5.59
CA ILE A 142 12.09 6.19 4.89
C ILE A 142 12.25 5.84 3.41
N PHE A 143 11.52 4.82 2.96
CA PHE A 143 11.60 4.37 1.58
C PHE A 143 10.61 5.16 0.73
N LEU A 144 11.11 5.75 -0.35
CA LEU A 144 10.29 6.52 -1.28
C LEU A 144 9.80 5.61 -2.39
N HIS A 145 8.68 4.94 -2.13
CA HIS A 145 8.08 4.04 -3.10
C HIS A 145 7.63 4.80 -4.34
N GLU A 146 8.13 4.38 -5.51
CA GLU A 146 7.83 5.03 -6.78
C GLU A 146 8.18 6.51 -6.78
N ASP A 147 9.13 6.89 -5.92
CA ASP A 147 9.54 8.29 -5.74
C ASP A 147 8.34 9.19 -5.46
N LEU A 148 7.37 8.66 -4.71
CA LEU A 148 6.15 9.40 -4.40
C LEU A 148 5.66 9.11 -2.98
N THR A 149 5.50 7.83 -2.65
CA THR A 149 4.86 7.42 -1.42
C THR A 149 5.92 7.00 -0.40
N VAL A 150 5.87 7.61 0.79
CA VAL A 150 6.77 7.23 1.87
C VAL A 150 6.34 5.90 2.47
N LYS A 151 7.31 5.01 2.69
CA LYS A 151 7.07 3.74 3.36
C LYS A 151 8.09 3.61 4.49
N ILE A 152 7.60 3.60 5.73
CA ILE A 152 8.45 3.51 6.91
C ILE A 152 8.61 2.05 7.30
N GLY A 153 9.85 1.64 7.60
CA GLY A 153 10.10 0.29 8.05
C GLY A 153 11.36 0.14 8.89
N ASP A 154 11.92 -1.06 8.91
CA ASP A 154 13.12 -1.39 9.70
C ASP A 154 12.95 -0.97 11.16
N PHE A 155 11.97 -1.59 11.82
CA PHE A 155 11.72 -1.32 13.22
C PHE A 155 12.84 -1.88 14.10
N SER A 174 23.33 -1.23 17.90
CA SER A 174 24.60 -0.95 17.24
C SER A 174 24.81 0.54 17.04
N GLY A 175 25.20 0.93 15.82
CA GLY A 175 25.61 2.29 15.57
C GLY A 175 24.89 3.05 14.47
N SER A 176 24.19 4.12 14.87
CA SER A 176 23.59 5.10 13.98
C SER A 176 23.12 6.26 14.84
N ILE A 177 24.08 6.98 15.42
CA ILE A 177 23.82 7.90 16.53
C ILE A 177 23.25 9.25 16.12
N LEU A 178 23.32 9.62 14.84
CA LEU A 178 22.88 10.96 14.44
C LEU A 178 21.41 11.20 14.71
N TRP A 179 20.60 10.16 14.78
CA TRP A 179 19.17 10.28 15.05
C TRP A 179 18.80 10.01 16.49
N MET A 180 19.76 9.64 17.33
CA MET A 180 19.49 9.29 18.72
C MET A 180 19.32 10.54 19.58
N ALA A 181 18.25 10.56 20.37
CA ALA A 181 17.99 11.63 21.31
C ALA A 181 19.02 11.61 22.45
N PRO A 182 19.11 12.69 23.23
CA PRO A 182 20.00 12.66 24.41
C PRO A 182 19.65 11.58 25.43
N GLU A 183 18.36 11.41 25.74
CA GLU A 183 17.97 10.49 26.82
C GLU A 183 18.25 9.03 26.48
N VAL A 184 18.44 8.69 25.21
CA VAL A 184 18.69 7.30 24.82
C VAL A 184 20.11 6.91 25.18
N ILE A 185 20.88 7.87 25.71
CA ILE A 185 22.26 7.62 26.11
C ILE A 185 22.34 7.15 27.57
N ARG A 186 21.29 7.35 28.37
CA ARG A 186 21.27 6.76 29.70
C ARG A 186 21.11 5.26 29.52
N MET A 187 19.87 4.80 29.38
CA MET A 187 19.57 3.44 28.93
C MET A 187 20.21 2.39 29.85
N GLN A 188 19.74 2.37 31.11
CA GLN A 188 20.18 1.38 32.07
C GLN A 188 19.33 1.46 33.34
N ASP A 189 18.46 2.45 33.42
CA ASP A 189 17.56 2.59 34.57
C ASP A 189 16.16 2.05 34.25
N LYS A 190 15.44 2.71 33.34
CA LYS A 190 14.07 2.32 33.03
C LYS A 190 13.98 2.05 31.54
N ASN A 191 13.07 2.72 30.83
CA ASN A 191 12.87 2.54 29.39
C ASN A 191 13.03 3.84 28.61
N PRO A 192 14.20 4.11 28.04
CA PRO A 192 14.47 5.44 27.48
C PRO A 192 13.78 5.70 26.16
N TYR A 193 13.59 4.67 25.34
CA TYR A 193 12.81 4.82 24.12
C TYR A 193 11.36 5.16 24.44
N SER A 194 10.91 6.31 23.96
CA SER A 194 9.56 6.81 24.21
C SER A 194 9.02 7.39 22.91
N PHE A 195 7.78 7.88 22.98
CA PHE A 195 7.24 8.67 21.87
C PHE A 195 8.11 9.89 21.60
N GLN A 196 8.57 10.55 22.65
CA GLN A 196 9.39 11.75 22.49
C GLN A 196 10.70 11.45 21.78
N SER A 197 11.27 10.27 22.03
CA SER A 197 12.51 9.88 21.35
C SER A 197 12.27 9.70 19.86
N ASP A 198 11.10 9.18 19.48
CA ASP A 198 10.74 9.11 18.06
C ASP A 198 10.59 10.51 17.47
N VAL A 199 10.06 11.46 18.24
CA VAL A 199 9.90 12.82 17.76
C VAL A 199 11.26 13.45 17.46
N TYR A 200 12.24 13.19 18.32
CA TYR A 200 13.58 13.72 18.10
C TYR A 200 14.17 13.21 16.79
N ALA A 201 14.08 11.89 16.56
CA ALA A 201 14.58 11.32 15.31
C ALA A 201 13.89 11.95 14.10
N PHE A 202 12.60 12.24 14.21
CA PHE A 202 11.89 12.93 13.14
C PHE A 202 12.46 14.31 12.91
N GLY A 203 12.84 15.01 13.99
CA GLY A 203 13.49 16.30 13.84
C GLY A 203 14.77 16.23 13.03
N ILE A 204 15.57 15.19 13.24
CA ILE A 204 16.81 15.04 12.49
C ILE A 204 16.51 14.79 11.02
N VAL A 205 15.46 14.02 10.72
CA VAL A 205 15.04 13.84 9.34
C VAL A 205 14.64 15.18 8.72
N LEU A 206 13.96 16.03 9.50
CA LEU A 206 13.62 17.36 9.02
C LEU A 206 14.88 18.18 8.74
N TYR A 207 15.89 18.04 9.60
CA TYR A 207 17.16 18.72 9.37
C TYR A 207 17.76 18.33 8.02
N GLU A 208 17.79 17.03 7.74
CA GLU A 208 18.30 16.56 6.45
C GLU A 208 17.50 17.14 5.29
N LEU A 209 16.17 17.11 5.39
CA LEU A 209 15.32 17.62 4.33
C LEU A 209 15.58 19.10 4.06
N MET A 210 15.68 19.90 5.12
CA MET A 210 15.76 21.35 4.96
C MET A 210 17.17 21.86 4.73
N THR A 211 18.20 21.06 5.06
CA THR A 211 19.58 21.46 4.82
C THR A 211 20.23 20.71 3.65
N GLY A 212 19.86 19.46 3.42
CA GLY A 212 20.55 18.63 2.46
C GLY A 212 21.77 17.93 2.99
N GLN A 213 22.02 18.00 4.30
CA GLN A 213 23.21 17.45 4.91
C GLN A 213 22.83 16.67 6.16
N LEU A 214 23.74 15.80 6.59
CA LEU A 214 23.62 15.19 7.90
C LEU A 214 24.07 16.17 8.99
N PRO A 215 23.52 16.06 10.20
CA PRO A 215 23.95 16.96 11.28
C PRO A 215 25.37 16.67 11.72
N TYR A 216 25.96 17.67 12.38
CA TYR A 216 27.32 17.56 12.92
C TYR A 216 28.32 17.25 11.82
N SER A 217 28.24 18.03 10.73
CA SER A 217 29.11 17.82 9.58
C SER A 217 30.59 17.97 9.93
N ASN A 218 30.91 18.85 10.87
CA ASN A 218 32.30 19.17 11.17
C ASN A 218 32.86 18.37 12.34
N ILE A 219 32.06 17.50 12.95
CA ILE A 219 32.54 16.65 14.03
C ILE A 219 32.97 15.32 13.43
N ASN A 220 34.27 15.08 13.38
CA ASN A 220 34.84 13.96 12.65
C ASN A 220 35.06 12.75 13.54
N ASN A 221 34.38 12.69 14.69
CA ASN A 221 34.55 11.60 15.65
C ASN A 221 33.22 11.32 16.31
N ARG A 222 32.77 10.07 16.20
CA ARG A 222 31.47 9.68 16.73
C ARG A 222 31.43 9.72 18.26
N ASP A 223 32.46 9.17 18.91
CA ASP A 223 32.47 9.07 20.37
C ASP A 223 32.20 10.39 21.08
N GLN A 224 32.62 11.51 20.47
CA GLN A 224 32.32 12.82 21.05
C GLN A 224 30.91 13.27 20.74
N ILE A 225 30.39 12.92 19.55
CA ILE A 225 28.97 13.17 19.25
C ILE A 225 28.09 12.48 20.27
N ILE A 226 28.36 11.18 20.51
CA ILE A 226 27.64 10.45 21.55
C ILE A 226 27.76 11.17 22.88
N PHE A 227 28.96 11.64 23.19
CA PHE A 227 29.22 12.29 24.46
C PHE A 227 28.48 13.63 24.55
N MET A 228 28.62 14.48 23.52
CA MET A 228 28.02 15.81 23.54
C MET A 228 26.50 15.74 23.65
N VAL A 229 25.86 15.13 22.64
CA VAL A 229 24.40 14.99 22.65
C VAL A 229 23.92 14.38 23.97
N GLY A 230 24.69 13.42 24.50
CA GLY A 230 24.28 12.78 25.74
C GLY A 230 24.18 13.75 26.89
N ARG A 231 25.22 14.55 27.12
CA ARG A 231 25.17 15.58 28.14
C ARG A 231 24.38 16.81 27.73
N GLY A 232 24.10 16.97 26.43
CA GLY A 232 23.22 18.00 25.95
C GLY A 232 23.82 19.29 25.45
N TYR A 233 25.15 19.40 25.36
CA TYR A 233 25.74 20.64 24.85
C TYR A 233 25.81 20.69 23.33
N LEU A 234 24.99 19.92 22.62
CA LEU A 234 25.12 19.84 21.17
C LEU A 234 23.79 19.46 20.56
N SER A 235 23.28 20.34 19.70
CA SER A 235 22.10 20.14 18.87
C SER A 235 22.41 20.74 17.50
N PRO A 236 21.83 20.18 16.42
CA PRO A 236 22.22 20.61 15.07
C PRO A 236 22.13 22.11 14.85
N ASP A 237 22.88 22.61 13.86
CA ASP A 237 22.89 24.04 13.53
C ASP A 237 21.75 24.32 12.58
N LEU A 238 20.70 24.94 13.09
CA LEU A 238 19.50 25.29 12.32
C LEU A 238 19.74 26.45 11.35
N SER A 239 20.99 26.84 11.15
CA SER A 239 21.36 27.91 10.24
C SER A 239 21.97 27.40 8.94
N LYS A 240 21.96 26.08 8.73
CA LYS A 240 22.30 25.51 7.43
C LYS A 240 21.10 25.31 6.54
N VAL A 241 19.89 25.63 7.02
CA VAL A 241 18.68 25.39 6.25
C VAL A 241 18.70 26.23 4.97
N ARG A 242 18.10 25.67 3.92
CA ARG A 242 18.03 26.37 2.64
C ARG A 242 17.26 27.67 2.78
N SER A 243 17.60 28.63 1.93
CA SER A 243 17.02 29.97 1.99
C SER A 243 15.49 29.92 2.02
N ASN A 244 14.90 29.11 1.15
CA ASN A 244 13.46 29.02 1.01
C ASN A 244 12.79 28.11 2.04
N CYS A 245 13.49 27.76 3.12
CA CYS A 245 12.87 26.99 4.18
C CYS A 245 11.83 27.85 4.89
N PRO A 246 10.59 27.35 5.04
CA PRO A 246 9.56 28.15 5.71
C PRO A 246 9.93 28.45 7.17
N LYS A 247 9.38 29.54 7.68
CA LYS A 247 9.70 29.96 9.05
C LYS A 247 9.08 29.01 10.07
N ALA A 248 7.87 28.51 9.81
CA ALA A 248 7.24 27.57 10.72
C ALA A 248 8.00 26.24 10.76
N MET A 249 8.64 25.87 9.65
CA MET A 249 9.45 24.66 9.63
C MET A 249 10.65 24.79 10.57
N LYS A 250 11.28 25.96 10.56
CA LYS A 250 12.36 26.25 11.51
C LYS A 250 11.90 26.07 12.95
N ARG A 251 10.74 26.66 13.30
CA ARG A 251 10.22 26.51 14.65
C ARG A 251 9.93 25.06 14.98
N LEU A 252 9.33 24.32 14.04
CA LEU A 252 8.99 22.92 14.30
C LEU A 252 10.24 22.08 14.52
N MET A 253 11.27 22.29 13.70
CA MET A 253 12.54 21.61 13.91
C MET A 253 13.08 21.85 15.32
N ALA A 254 13.10 23.12 15.75
CA ALA A 254 13.61 23.45 17.07
C ALA A 254 12.80 22.79 18.18
N GLU A 255 11.47 22.70 17.99
CA GLU A 255 10.63 22.11 19.02
C GLU A 255 10.83 20.60 19.11
N CYS A 256 11.02 19.94 17.96
CA CYS A 256 11.25 18.51 17.97
C CYS A 256 12.63 18.18 18.54
N LEU A 257 13.62 19.03 18.26
CA LEU A 257 14.98 18.81 18.71
C LEU A 257 15.27 19.41 20.09
N LYS A 258 14.23 19.76 20.85
CA LYS A 258 14.42 20.28 22.19
C LYS A 258 15.00 19.21 23.10
N LYS A 259 15.80 19.65 24.08
CA LYS A 259 16.58 18.72 24.90
C LYS A 259 15.68 17.82 25.75
N LYS A 260 14.85 18.41 26.60
CA LYS A 260 13.99 17.62 27.48
C LYS A 260 12.93 16.84 26.73
N ARG A 261 12.75 15.58 27.14
CA ARG A 261 11.72 14.72 26.58
C ARG A 261 10.37 15.42 26.56
N ASP A 262 9.90 15.84 27.74
CA ASP A 262 8.54 16.32 27.91
C ASP A 262 8.26 17.63 27.19
N GLU A 263 9.29 18.34 26.72
CA GLU A 263 9.12 19.62 26.06
C GLU A 263 9.06 19.49 24.54
N ARG A 264 8.98 18.25 24.01
CA ARG A 264 8.82 17.96 22.59
C ARG A 264 7.34 17.78 22.23
N PRO A 265 6.94 18.17 21.03
CA PRO A 265 5.54 18.02 20.64
C PRO A 265 5.23 16.61 20.16
N LEU A 266 4.00 16.18 20.42
CA LEU A 266 3.52 14.92 19.90
C LEU A 266 3.24 15.03 18.41
N PHE A 267 3.21 13.87 17.74
CA PHE A 267 3.00 13.88 16.29
C PHE A 267 1.62 14.40 15.87
N PRO A 268 0.54 14.25 16.64
CA PRO A 268 -0.70 14.97 16.29
C PRO A 268 -0.49 16.47 16.10
N GLN A 269 0.32 17.10 16.96
CA GLN A 269 0.63 18.51 16.78
C GLN A 269 1.62 18.72 15.62
N ILE A 270 2.59 17.81 15.50
CA ILE A 270 3.54 17.88 14.39
C ILE A 270 2.81 17.78 13.06
N LEU A 271 2.02 16.72 12.90
CA LEU A 271 1.24 16.53 11.67
C LEU A 271 0.37 17.73 11.38
N ALA A 272 -0.31 18.25 12.39
CA ALA A 272 -1.19 19.40 12.18
C ALA A 272 -0.39 20.63 11.74
N SER A 273 0.80 20.82 12.30
CA SER A 273 1.61 21.97 11.93
C SER A 273 2.06 21.89 10.48
N ILE A 274 2.43 20.70 10.02
CA ILE A 274 2.85 20.54 8.63
C ILE A 274 1.65 20.61 7.71
N GLU A 275 0.51 20.06 8.15
CA GLU A 275 -0.71 20.10 7.34
C GLU A 275 -1.17 21.53 7.09
N LEU A 276 -0.67 22.50 7.86
CA LEU A 276 -0.90 23.92 7.61
C LEU A 276 0.15 24.53 6.70
N LEU A 277 1.39 24.06 6.79
CA LEU A 277 2.46 24.62 5.98
C LEU A 277 2.30 24.24 4.51
N ALA A 278 1.88 23.01 4.23
CA ALA A 278 1.69 22.59 2.84
C ALA A 278 0.62 23.43 2.15
N ARG A 279 -0.44 23.79 2.87
CA ARG A 279 -1.48 24.61 2.27
C ARG A 279 -1.00 26.03 2.02
N SER A 280 -0.18 26.56 2.93
CA SER A 280 0.38 27.90 2.73
C SER A 280 1.34 27.93 1.54
N LEU A 281 2.12 26.86 1.37
CA LEU A 281 3.10 26.79 0.28
C LEU A 281 2.41 26.56 -1.06
N ASP B 9 -8.85 -7.50 16.58
CA ASP B 9 -8.34 -6.39 17.37
C ASP B 9 -8.49 -5.09 16.60
N TRP B 10 -9.04 -5.17 15.39
CA TRP B 10 -9.22 -3.99 14.55
C TRP B 10 -10.21 -3.02 15.19
N GLU B 11 -11.31 -2.78 14.49
CA GLU B 11 -12.37 -1.86 14.86
C GLU B 11 -11.83 -0.51 15.34
N ILE B 12 -12.08 0.54 14.58
CA ILE B 12 -11.67 1.88 14.95
C ILE B 12 -12.80 2.46 15.80
N PRO B 13 -12.57 2.74 17.08
CA PRO B 13 -13.64 3.37 17.87
C PRO B 13 -14.03 4.68 17.22
N ASP B 14 -15.33 4.85 16.99
CA ASP B 14 -15.74 5.98 16.19
C ASP B 14 -15.51 7.27 16.98
N GLY B 15 -15.45 8.37 16.24
CA GLY B 15 -14.98 9.63 16.75
C GLY B 15 -13.56 9.91 16.32
N GLN B 16 -12.77 8.87 16.08
CA GLN B 16 -11.48 9.03 15.45
C GLN B 16 -11.62 9.26 13.95
N ILE B 17 -12.66 8.67 13.34
CA ILE B 17 -12.90 8.76 11.91
C ILE B 17 -13.75 10.00 11.64
N THR B 18 -13.12 11.03 11.05
CA THR B 18 -13.85 12.22 10.60
C THR B 18 -14.37 11.96 9.19
N VAL B 19 -15.69 11.88 9.05
CA VAL B 19 -16.33 11.61 7.77
C VAL B 19 -16.50 12.91 6.99
N GLY B 20 -16.12 12.89 5.71
CA GLY B 20 -16.18 14.06 4.86
C GLY B 20 -17.28 14.03 3.81
N GLN B 21 -16.94 14.32 2.57
CA GLN B 21 -17.91 14.41 1.48
C GLN B 21 -18.20 13.04 0.88
N ARG B 22 -19.39 12.90 0.31
CA ARG B 22 -19.83 11.62 -0.24
C ARG B 22 -19.19 11.35 -1.59
N ILE B 23 -18.72 10.12 -1.77
CA ILE B 23 -18.11 9.68 -3.02
C ILE B 23 -19.10 8.90 -3.88
N GLY B 24 -19.93 8.06 -3.28
CA GLY B 24 -20.94 7.40 -4.08
C GLY B 24 -21.28 6.04 -3.51
N SER B 25 -21.88 5.22 -4.37
CA SER B 25 -22.31 3.88 -4.02
C SER B 25 -21.99 2.97 -5.20
N GLY B 26 -21.85 1.69 -4.90
CA GLY B 26 -21.49 0.72 -5.93
C GLY B 26 -22.29 -0.56 -5.83
N SER B 27 -21.61 -1.70 -5.69
CA SER B 27 -22.34 -2.95 -5.59
C SER B 27 -22.97 -3.15 -4.22
N PHE B 28 -22.55 -2.38 -3.22
CA PHE B 28 -23.07 -2.48 -1.86
C PHE B 28 -22.59 -1.30 -1.02
N GLY B 29 -23.52 -0.60 -0.39
CA GLY B 29 -23.18 0.47 0.54
C GLY B 29 -22.81 1.78 -0.13
N THR B 30 -22.37 2.73 0.70
CA THR B 30 -22.05 4.08 0.26
C THR B 30 -20.66 4.50 0.74
N VAL B 31 -19.91 5.14 -0.15
CA VAL B 31 -18.50 5.46 0.06
C VAL B 31 -18.37 6.95 0.37
N TYR B 32 -17.49 7.29 1.32
CA TYR B 32 -17.19 8.67 1.68
C TYR B 32 -15.69 8.83 1.82
N LYS B 33 -15.20 10.03 1.50
CA LYS B 33 -13.85 10.40 1.88
C LYS B 33 -13.81 10.79 3.35
N GLY B 34 -12.75 10.38 4.03
CA GLY B 34 -12.63 10.68 5.45
C GLY B 34 -11.21 10.98 5.86
N LYS B 35 -10.98 11.05 7.18
CA LYS B 35 -9.65 11.26 7.73
C LYS B 35 -9.45 10.34 8.93
N TRP B 36 -8.36 9.58 8.91
CA TRP B 36 -7.97 8.78 10.06
C TRP B 36 -6.47 8.55 9.92
N HIS B 37 -5.68 9.36 10.63
CA HIS B 37 -4.23 9.40 10.47
C HIS B 37 -3.86 9.64 8.99
N GLY B 38 -4.54 10.61 8.39
CA GLY B 38 -4.41 10.90 6.98
C GLY B 38 -5.68 10.56 6.22
N ASP B 39 -5.59 10.63 4.90
CA ASP B 39 -6.75 10.40 4.05
C ASP B 39 -7.13 8.92 4.05
N VAL B 40 -8.41 8.64 4.28
CA VAL B 40 -8.95 7.28 4.21
C VAL B 40 -10.30 7.33 3.50
N ALA B 41 -10.69 6.19 2.96
CA ALA B 41 -12.03 5.99 2.43
C ALA B 41 -12.90 5.25 3.45
N VAL B 42 -14.14 5.69 3.58
CA VAL B 42 -15.06 5.18 4.59
C VAL B 42 -16.31 4.67 3.87
N LYS B 43 -16.60 3.39 4.03
CA LYS B 43 -17.73 2.74 3.34
C LYS B 43 -18.86 2.53 4.34
N MET B 44 -19.88 3.38 4.25
CA MET B 44 -21.08 3.22 5.05
C MET B 44 -21.96 2.14 4.45
N LEU B 45 -22.67 1.42 5.33
CA LEU B 45 -23.50 0.30 4.91
C LEU B 45 -25.00 0.57 5.00
N ASN B 46 -25.40 1.76 5.46
CA ASN B 46 -26.82 2.14 5.52
C ASN B 46 -27.63 1.18 6.39
N THR B 51 -29.43 -5.59 14.26
CA THR B 51 -29.46 -6.80 15.08
C THR B 51 -28.11 -7.51 15.10
N PRO B 52 -27.73 -8.04 16.26
CA PRO B 52 -26.47 -8.79 16.37
C PRO B 52 -26.28 -9.88 15.32
N GLN B 53 -27.38 -10.47 14.82
CA GLN B 53 -27.27 -11.46 13.75
C GLN B 53 -27.00 -10.80 12.41
N GLN B 54 -27.13 -9.48 12.31
CA GLN B 54 -26.66 -8.71 11.17
C GLN B 54 -25.24 -8.22 11.41
N LEU B 55 -24.91 -7.91 12.67
CA LEU B 55 -23.54 -7.61 13.05
C LEU B 55 -22.62 -8.80 12.78
N GLN B 56 -23.12 -10.01 13.05
CA GLN B 56 -22.32 -11.21 12.78
C GLN B 56 -22.04 -11.35 11.29
N ALA B 57 -23.03 -11.06 10.44
CA ALA B 57 -22.79 -11.04 9.01
C ALA B 57 -21.78 -9.98 8.63
N PHE B 58 -21.77 -8.85 9.36
CA PHE B 58 -20.79 -7.80 9.11
C PHE B 58 -19.39 -8.27 9.51
N LYS B 59 -19.26 -8.87 10.69
CA LYS B 59 -17.96 -9.36 11.13
C LYS B 59 -17.47 -10.52 10.27
N ASN B 60 -18.40 -11.28 9.66
CA ASN B 60 -18.00 -12.28 8.68
C ASN B 60 -17.48 -11.63 7.41
N GLU B 61 -18.13 -10.53 6.98
CA GLU B 61 -17.63 -9.79 5.83
C GLU B 61 -16.30 -9.12 6.15
N VAL B 62 -16.16 -8.55 7.35
CA VAL B 62 -14.89 -7.98 7.77
C VAL B 62 -13.80 -9.05 7.76
N GLY B 63 -14.13 -10.26 8.24
CA GLY B 63 -13.15 -11.34 8.27
C GLY B 63 -12.63 -11.72 6.89
N VAL B 64 -13.45 -11.54 5.86
CA VAL B 64 -13.01 -11.87 4.50
C VAL B 64 -12.08 -10.80 3.96
N LEU B 65 -12.47 -9.53 4.12
CA LEU B 65 -11.61 -8.43 3.67
C LEU B 65 -10.31 -8.40 4.46
N ARG B 66 -10.37 -8.72 5.74
CA ARG B 66 -9.19 -8.73 6.60
C ARG B 66 -8.08 -9.62 6.05
N LYS B 67 -8.43 -10.67 5.31
CA LYS B 67 -7.47 -11.65 4.84
C LYS B 67 -6.65 -11.20 3.63
N THR B 68 -6.82 -9.97 3.17
CA THR B 68 -6.15 -9.48 1.96
C THR B 68 -5.07 -8.48 2.33
N ARG B 69 -3.82 -8.80 2.01
CA ARG B 69 -2.69 -7.88 2.12
C ARG B 69 -1.87 -7.97 0.83
N HIS B 70 -2.08 -7.01 -0.07
CA HIS B 70 -1.37 -7.01 -1.35
C HIS B 70 -1.35 -5.60 -1.91
N VAL B 71 -0.20 -5.22 -2.50
CA VAL B 71 -0.01 -3.87 -3.00
C VAL B 71 -0.91 -3.55 -4.18
N ASN B 72 -1.60 -4.54 -4.74
CA ASN B 72 -2.53 -4.34 -5.84
C ASN B 72 -3.98 -4.52 -5.42
N ILE B 73 -4.24 -4.81 -4.16
CA ILE B 73 -5.59 -4.91 -3.61
C ILE B 73 -5.80 -3.74 -2.66
N LEU B 74 -7.00 -3.16 -2.70
CA LEU B 74 -7.30 -2.01 -1.85
C LEU B 74 -7.11 -2.38 -0.38
N LEU B 75 -6.35 -1.55 0.33
CA LEU B 75 -5.91 -1.86 1.68
C LEU B 75 -7.05 -1.65 2.68
N PHE B 76 -7.61 -2.74 3.19
CA PHE B 76 -8.50 -2.65 4.34
C PHE B 76 -7.76 -2.10 5.55
N MET B 77 -8.38 -1.18 6.27
CA MET B 77 -7.73 -0.51 7.39
C MET B 77 -8.46 -0.67 8.71
N GLY B 78 -9.78 -0.59 8.72
CA GLY B 78 -10.51 -0.79 9.96
C GLY B 78 -12.00 -0.82 9.72
N TYR B 79 -12.75 -0.89 10.82
CA TYR B 79 -14.19 -0.92 10.75
C TYR B 79 -14.78 -0.31 12.02
N SER B 80 -15.99 0.22 11.90
CA SER B 80 -16.74 0.70 13.04
C SER B 80 -18.08 -0.03 13.12
N THR B 81 -18.63 -0.09 14.33
CA THR B 81 -19.96 -0.65 14.54
C THR B 81 -20.94 0.40 15.03
N LYS B 82 -20.51 1.29 15.91
CA LYS B 82 -21.18 2.51 16.30
C LYS B 82 -20.53 3.68 15.57
N PRO B 83 -21.30 4.64 15.06
CA PRO B 83 -22.77 4.71 15.12
C PRO B 83 -23.52 4.04 13.98
N GLN B 84 -22.84 3.65 12.90
CA GLN B 84 -23.54 3.23 11.68
C GLN B 84 -23.05 1.95 11.01
N LEU B 85 -21.97 1.31 11.50
CA LEU B 85 -21.33 0.17 10.83
C LEU B 85 -20.65 0.66 9.56
N ALA B 86 -19.33 0.48 9.45
CA ALA B 86 -18.59 1.07 8.35
C ALA B 86 -17.26 0.33 8.21
N ILE B 87 -16.69 0.42 7.00
CA ILE B 87 -15.40 -0.19 6.69
C ILE B 87 -14.48 0.90 6.18
N VAL B 88 -13.30 1.02 6.80
CA VAL B 88 -12.32 2.04 6.45
C VAL B 88 -11.20 1.40 5.65
N THR B 89 -10.87 2.00 4.50
CA THR B 89 -9.81 1.53 3.63
C THR B 89 -8.89 2.70 3.28
N GLN B 90 -7.78 2.38 2.62
CA GLN B 90 -6.88 3.42 2.15
C GLN B 90 -7.57 4.26 1.07
N TRP B 91 -7.10 5.49 0.92
CA TRP B 91 -7.68 6.42 -0.04
C TRP B 91 -6.81 6.47 -1.30
N CYS B 92 -7.41 6.16 -2.44
CA CYS B 92 -6.72 6.23 -3.72
C CYS B 92 -6.87 7.62 -4.31
N GLU B 93 -5.75 8.29 -4.55
CA GLU B 93 -5.74 9.61 -5.18
C GLU B 93 -5.67 9.43 -6.69
N GLY B 94 -6.81 9.44 -7.35
CA GLY B 94 -6.82 9.27 -8.79
C GLY B 94 -8.23 8.97 -9.29
N SER B 95 -8.27 8.29 -10.43
CA SER B 95 -9.51 7.97 -11.11
C SER B 95 -9.43 6.52 -11.60
N SER B 96 -10.60 5.90 -11.71
CA SER B 96 -10.68 4.50 -12.11
C SER B 96 -10.23 4.32 -13.56
N LEU B 97 -9.90 3.06 -13.89
CA LEU B 97 -9.47 2.74 -15.25
C LEU B 97 -10.55 3.09 -16.27
N TYR B 98 -11.81 2.82 -15.94
CA TYR B 98 -12.94 3.27 -16.76
C TYR B 98 -12.85 4.77 -17.03
N HIS B 99 -12.55 5.55 -16.00
CA HIS B 99 -12.44 7.00 -16.16
C HIS B 99 -11.35 7.39 -17.15
N HIS B 100 -10.19 6.74 -17.07
CA HIS B 100 -9.10 7.09 -17.97
C HIS B 100 -9.38 6.70 -19.42
N LEU B 101 -10.12 5.62 -19.63
CA LEU B 101 -10.32 5.10 -20.99
C LEU B 101 -11.47 5.76 -21.73
N HIS B 102 -12.61 5.99 -21.06
CA HIS B 102 -13.82 6.45 -21.73
C HIS B 102 -14.33 7.78 -21.21
N ILE B 103 -13.54 8.49 -20.40
CA ILE B 103 -13.94 9.81 -19.91
C ILE B 103 -12.81 10.78 -20.18
N ILE B 104 -11.60 10.42 -19.77
CA ILE B 104 -10.43 11.26 -20.04
C ILE B 104 -9.83 10.97 -21.41
N GLU B 105 -9.94 9.73 -21.90
CA GLU B 105 -9.27 9.30 -23.13
C GLU B 105 -7.76 9.46 -22.99
N THR B 106 -7.22 8.95 -21.87
CA THR B 106 -5.80 9.10 -21.59
C THR B 106 -4.95 8.42 -22.64
N LYS B 107 -3.89 9.10 -23.07
CA LYS B 107 -3.00 8.58 -24.11
C LYS B 107 -1.96 7.69 -23.46
N PHE B 108 -2.38 6.46 -23.14
CA PHE B 108 -1.45 5.44 -22.66
C PHE B 108 -0.69 4.81 -23.81
N GLU B 109 0.61 4.65 -23.64
CA GLU B 109 1.36 3.83 -24.57
C GLU B 109 1.18 2.36 -24.24
N MET B 110 1.61 1.50 -25.16
CA MET B 110 1.38 0.07 -24.99
C MET B 110 2.07 -0.46 -23.73
N ILE B 111 3.25 0.05 -23.41
CA ILE B 111 3.96 -0.37 -22.20
C ILE B 111 3.09 -0.12 -20.97
N LYS B 112 2.49 1.07 -20.87
CA LYS B 112 1.64 1.38 -19.74
C LYS B 112 0.40 0.49 -19.72
N LEU B 113 -0.18 0.24 -20.89
CA LEU B 113 -1.36 -0.62 -20.97
C LEU B 113 -1.05 -2.03 -20.47
N ILE B 114 0.04 -2.62 -20.95
CA ILE B 114 0.40 -3.98 -20.53
C ILE B 114 0.72 -4.00 -19.04
N ASP B 115 1.30 -2.93 -18.50
CA ASP B 115 1.58 -2.86 -17.07
C ASP B 115 0.29 -2.88 -16.27
N ILE B 116 -0.71 -2.09 -16.67
CA ILE B 116 -1.99 -2.07 -15.98
C ILE B 116 -2.62 -3.47 -15.97
N ALA B 117 -2.54 -4.17 -17.11
CA ALA B 117 -3.02 -5.54 -17.17
C ALA B 117 -2.24 -6.44 -16.23
N ARG B 118 -0.92 -6.25 -16.16
CA ARG B 118 -0.08 -7.08 -15.31
C ARG B 118 -0.43 -6.89 -13.84
N GLN B 119 -0.55 -5.64 -13.40
CA GLN B 119 -0.91 -5.37 -12.01
C GLN B 119 -2.30 -5.89 -11.68
N THR B 120 -3.25 -5.74 -12.61
CA THR B 120 -4.59 -6.25 -12.39
C THR B 120 -4.60 -7.78 -12.35
N ALA B 121 -3.83 -8.41 -13.24
CA ALA B 121 -3.72 -9.87 -13.23
C ALA B 121 -3.12 -10.37 -11.93
N GLN B 122 -2.26 -9.57 -11.30
CA GLN B 122 -1.62 -9.99 -10.05
C GLN B 122 -2.63 -10.00 -8.90
N GLY B 123 -3.41 -8.92 -8.77
CA GLY B 123 -4.43 -8.88 -7.72
C GLY B 123 -5.42 -10.02 -7.83
N MET B 124 -5.87 -10.33 -9.05
CA MET B 124 -6.80 -11.43 -9.24
C MET B 124 -6.15 -12.76 -8.89
N ASP B 125 -4.88 -12.94 -9.23
CA ASP B 125 -4.16 -14.14 -8.84
C ASP B 125 -4.09 -14.28 -7.32
N TYR B 126 -3.81 -13.17 -6.63
CA TYR B 126 -3.77 -13.19 -5.17
C TYR B 126 -5.15 -13.51 -4.60
N LEU B 127 -6.19 -12.83 -5.09
CA LEU B 127 -7.55 -13.08 -4.62
C LEU B 127 -7.93 -14.54 -4.81
N HIS B 128 -7.66 -15.09 -5.99
CA HIS B 128 -8.00 -16.48 -6.25
C HIS B 128 -7.19 -17.42 -5.36
N ALA B 129 -5.93 -17.08 -5.09
CA ALA B 129 -5.11 -17.90 -4.20
C ALA B 129 -5.71 -17.96 -2.80
N LYS B 130 -6.23 -16.84 -2.32
CA LYS B 130 -6.91 -16.80 -1.03
C LYS B 130 -8.36 -17.26 -1.10
N SER B 131 -8.76 -17.88 -2.22
CA SER B 131 -10.08 -18.46 -2.41
C SER B 131 -11.19 -17.40 -2.37
N ILE B 132 -10.88 -16.19 -2.82
CA ILE B 132 -11.84 -15.09 -2.85
C ILE B 132 -12.24 -14.84 -4.30
N ILE B 133 -13.56 -14.82 -4.54
CA ILE B 133 -14.11 -14.52 -5.86
C ILE B 133 -14.59 -13.07 -5.85
N HIS B 134 -14.20 -12.31 -6.88
CA HIS B 134 -14.56 -10.89 -6.92
C HIS B 134 -16.06 -10.70 -7.18
N ARG B 135 -16.57 -11.34 -8.24
CA ARG B 135 -17.97 -11.38 -8.66
C ARG B 135 -18.42 -10.12 -9.41
N ASP B 136 -17.63 -9.04 -9.39
CA ASP B 136 -18.03 -7.82 -10.08
C ASP B 136 -16.81 -7.06 -10.55
N LEU B 137 -15.84 -7.77 -11.14
CA LEU B 137 -14.66 -7.11 -11.67
C LEU B 137 -14.98 -6.33 -12.94
N LYS B 138 -14.47 -5.11 -13.02
CA LYS B 138 -14.68 -4.25 -14.18
C LYS B 138 -13.75 -3.04 -14.03
N SER B 139 -13.62 -2.29 -15.12
CA SER B 139 -12.74 -1.13 -15.14
C SER B 139 -13.12 -0.08 -14.09
N ASN B 140 -14.38 -0.07 -13.63
CA ASN B 140 -14.79 0.91 -12.64
C ASN B 140 -14.24 0.61 -11.24
N ASN B 141 -13.80 -0.62 -10.97
CA ASN B 141 -13.21 -0.96 -9.68
C ASN B 141 -11.69 -1.06 -9.73
N ILE B 142 -11.07 -0.67 -10.84
CA ILE B 142 -9.63 -0.70 -10.99
C ILE B 142 -9.14 0.74 -10.87
N PHE B 143 -8.73 1.12 -9.67
CA PHE B 143 -8.25 2.48 -9.38
C PHE B 143 -6.76 2.57 -9.66
N LEU B 144 -6.37 3.55 -10.47
CA LEU B 144 -4.96 3.78 -10.77
C LEU B 144 -4.45 4.79 -9.74
N HIS B 145 -4.01 4.26 -8.60
CA HIS B 145 -3.50 5.10 -7.52
C HIS B 145 -2.25 5.83 -7.97
N GLU B 146 -2.26 7.16 -7.87
CA GLU B 146 -1.16 8.02 -8.30
C GLU B 146 -0.81 7.80 -9.77
N ASP B 147 -1.79 7.35 -10.56
CA ASP B 147 -1.61 7.03 -11.98
C ASP B 147 -0.44 6.07 -12.19
N LEU B 148 -0.28 5.11 -11.26
CA LEU B 148 0.82 4.17 -11.34
C LEU B 148 0.41 2.78 -10.85
N THR B 149 -0.15 2.71 -9.64
CA THR B 149 -0.42 1.45 -8.97
C THR B 149 -1.89 1.09 -9.07
N VAL B 150 -2.17 -0.11 -9.57
CA VAL B 150 -3.55 -0.61 -9.62
C VAL B 150 -4.01 -0.99 -8.22
N LYS B 151 -5.22 -0.56 -7.87
CA LYS B 151 -5.86 -0.94 -6.62
C LYS B 151 -7.25 -1.50 -6.94
N ILE B 152 -7.46 -2.78 -6.67
CA ILE B 152 -8.73 -3.45 -6.97
C ILE B 152 -9.63 -3.37 -5.74
N GLY B 153 -10.89 -3.03 -5.97
CA GLY B 153 -11.87 -2.98 -4.91
C GLY B 153 -13.29 -3.20 -5.39
N ASP B 154 -14.27 -2.69 -4.65
CA ASP B 154 -15.69 -2.84 -4.96
C ASP B 154 -16.05 -4.30 -5.18
N PHE B 155 -15.86 -5.09 -4.13
CA PHE B 155 -16.20 -6.51 -4.18
C PHE B 155 -17.71 -6.71 -4.22
N GLY B 156 -18.14 -7.69 -5.01
CA GLY B 156 -19.50 -8.20 -4.87
C GLY B 156 -19.59 -9.12 -3.67
N LEU B 157 -20.78 -9.14 -3.05
CA LEU B 157 -20.95 -9.90 -1.81
C LEU B 157 -22.11 -10.88 -1.89
N SER B 176 -23.14 -2.84 -15.69
CA SER B 176 -22.43 -3.93 -15.02
C SER B 176 -22.40 -5.18 -15.92
N ILE B 177 -23.34 -5.25 -16.86
CA ILE B 177 -23.55 -6.50 -17.60
C ILE B 177 -22.50 -6.69 -18.69
N LEU B 178 -21.78 -5.64 -19.07
CA LEU B 178 -20.79 -5.76 -20.13
C LEU B 178 -19.65 -6.70 -19.73
N TRP B 179 -19.39 -6.83 -18.43
CA TRP B 179 -18.33 -7.68 -17.92
C TRP B 179 -18.82 -9.04 -17.45
N MET B 180 -20.12 -9.29 -17.49
CA MET B 180 -20.68 -10.55 -17.01
C MET B 180 -20.46 -11.65 -18.03
N ALA B 181 -19.97 -12.80 -17.56
CA ALA B 181 -19.79 -13.96 -18.40
C ALA B 181 -21.15 -14.49 -18.85
N PRO B 182 -21.18 -15.37 -19.85
CA PRO B 182 -22.46 -15.96 -20.27
C PRO B 182 -23.17 -16.73 -19.16
N GLU B 183 -22.43 -17.54 -18.39
CA GLU B 183 -23.08 -18.39 -17.41
C GLU B 183 -23.73 -17.62 -16.27
N VAL B 184 -23.30 -16.38 -16.00
CA VAL B 184 -23.90 -15.60 -14.92
C VAL B 184 -25.23 -14.96 -15.31
N ILE B 185 -25.62 -15.03 -16.58
CA ILE B 185 -26.83 -14.37 -17.03
C ILE B 185 -28.03 -15.32 -17.01
N ARG B 186 -27.77 -16.62 -17.12
CA ARG B 186 -28.85 -17.58 -16.92
C ARG B 186 -29.03 -17.91 -15.43
N MET B 187 -27.96 -18.34 -14.78
CA MET B 187 -27.88 -18.52 -13.33
C MET B 187 -28.98 -19.48 -12.84
N GLN B 188 -28.86 -20.73 -13.28
CA GLN B 188 -29.79 -21.77 -12.85
C GLN B 188 -29.21 -23.16 -13.04
N ASP B 189 -28.06 -23.27 -13.69
CA ASP B 189 -27.35 -24.55 -13.76
C ASP B 189 -26.25 -24.58 -12.70
N LYS B 190 -26.54 -23.93 -11.57
CA LYS B 190 -25.74 -23.65 -10.39
C LYS B 190 -26.13 -22.23 -9.99
N ASN B 191 -25.73 -21.78 -8.80
CA ASN B 191 -25.97 -20.40 -8.39
C ASN B 191 -24.57 -19.84 -8.14
N PRO B 192 -23.90 -19.34 -9.18
CA PRO B 192 -22.48 -19.05 -8.97
C PRO B 192 -21.87 -17.80 -9.61
N TYR B 193 -20.71 -17.48 -9.06
CA TYR B 193 -19.70 -16.62 -9.64
C TYR B 193 -18.42 -17.38 -9.37
N SER B 194 -17.62 -17.64 -10.39
CA SER B 194 -16.48 -18.54 -10.20
C SER B 194 -15.20 -17.86 -10.63
N PHE B 195 -14.08 -18.59 -10.46
CA PHE B 195 -12.80 -18.10 -10.96
C PHE B 195 -12.89 -17.81 -12.45
N GLN B 196 -13.52 -18.70 -13.21
CA GLN B 196 -13.65 -18.49 -14.64
C GLN B 196 -14.52 -17.27 -14.95
N SER B 197 -15.54 -17.03 -14.13
CA SER B 197 -16.36 -15.84 -14.31
C SER B 197 -15.55 -14.58 -14.03
N ASP B 198 -14.66 -14.63 -13.04
CA ASP B 198 -13.72 -13.54 -12.81
C ASP B 198 -12.75 -13.40 -13.97
N VAL B 199 -12.33 -14.54 -14.56
CA VAL B 199 -11.41 -14.50 -15.69
C VAL B 199 -12.07 -13.83 -16.89
N TYR B 200 -13.34 -14.11 -17.13
CA TYR B 200 -14.04 -13.49 -18.25
C TYR B 200 -14.07 -11.98 -18.11
N ALA B 201 -14.44 -11.49 -16.93
CA ALA B 201 -14.45 -10.04 -16.69
C ALA B 201 -13.08 -9.43 -16.95
N PHE B 202 -12.01 -10.15 -16.57
CA PHE B 202 -10.66 -9.67 -16.85
C PHE B 202 -10.43 -9.59 -18.36
N GLY B 203 -10.95 -10.54 -19.12
CA GLY B 203 -10.85 -10.46 -20.56
C GLY B 203 -11.47 -9.19 -21.13
N ILE B 204 -12.62 -8.79 -20.59
CA ILE B 204 -13.25 -7.56 -21.04
C ILE B 204 -12.41 -6.35 -20.67
N VAL B 205 -11.78 -6.39 -19.49
CA VAL B 205 -10.85 -5.33 -19.10
C VAL B 205 -9.69 -5.27 -20.10
N LEU B 206 -9.20 -6.43 -20.54
CA LEU B 206 -8.18 -6.46 -21.58
C LEU B 206 -8.71 -5.87 -22.88
N TYR B 207 -9.97 -6.15 -23.21
CA TYR B 207 -10.59 -5.58 -24.40
C TYR B 207 -10.58 -4.05 -24.34
N GLU B 208 -10.99 -3.49 -23.20
CA GLU B 208 -10.98 -2.03 -23.04
C GLU B 208 -9.59 -1.46 -23.23
N LEU B 209 -8.59 -2.08 -22.58
CA LEU B 209 -7.22 -1.60 -22.68
C LEU B 209 -6.71 -1.61 -24.12
N MET B 210 -6.97 -2.70 -24.84
CA MET B 210 -6.37 -2.90 -26.15
C MET B 210 -7.15 -2.23 -27.28
N THR B 211 -8.42 -1.89 -27.06
CA THR B 211 -9.21 -1.18 -28.06
C THR B 211 -9.43 0.28 -27.73
N GLY B 212 -9.52 0.62 -26.44
CA GLY B 212 -9.92 1.95 -26.04
C GLY B 212 -11.41 2.14 -25.96
N GLN B 213 -12.20 1.09 -26.14
CA GLN B 213 -13.65 1.16 -26.18
C GLN B 213 -14.24 0.05 -25.34
N LEU B 214 -15.52 0.23 -24.97
CA LEU B 214 -16.30 -0.84 -24.37
C LEU B 214 -16.78 -1.80 -25.47
N PRO B 215 -17.00 -3.07 -25.11
CA PRO B 215 -17.53 -4.01 -26.10
C PRO B 215 -18.97 -3.68 -26.46
N TYR B 216 -19.40 -4.19 -27.61
CA TYR B 216 -20.77 -4.00 -28.11
C TYR B 216 -21.09 -2.53 -28.26
N SER B 217 -20.15 -1.78 -28.87
CA SER B 217 -20.33 -0.34 -29.00
C SER B 217 -21.55 0.03 -29.85
N ASN B 218 -21.84 -0.77 -30.87
CA ASN B 218 -22.90 -0.46 -31.82
C ASN B 218 -24.21 -1.15 -31.50
N ILE B 219 -24.28 -1.92 -30.41
CA ILE B 219 -25.50 -2.57 -29.97
C ILE B 219 -26.18 -1.63 -28.98
N ASN B 220 -27.30 -1.03 -29.39
CA ASN B 220 -27.92 0.09 -28.69
C ASN B 220 -29.01 -0.34 -27.71
N ASN B 221 -29.04 -1.59 -27.28
CA ASN B 221 -30.08 -2.04 -26.36
C ASN B 221 -29.50 -3.11 -25.44
N ARG B 222 -29.57 -2.90 -24.13
CA ARG B 222 -28.97 -3.83 -23.18
C ARG B 222 -29.69 -5.17 -23.21
N ASP B 223 -31.03 -5.16 -23.21
CA ASP B 223 -31.80 -6.40 -23.21
C ASP B 223 -31.35 -7.33 -24.33
N GLN B 224 -30.85 -6.76 -25.42
CA GLN B 224 -30.36 -7.56 -26.53
C GLN B 224 -28.97 -8.12 -26.23
N ILE B 225 -28.11 -7.31 -25.60
CA ILE B 225 -26.81 -7.80 -25.12
C ILE B 225 -27.00 -8.92 -24.09
N ILE B 226 -27.84 -8.66 -23.08
CA ILE B 226 -28.11 -9.67 -22.05
C ILE B 226 -28.61 -10.97 -22.67
N PHE B 227 -29.52 -10.87 -23.63
CA PHE B 227 -30.11 -12.08 -24.22
C PHE B 227 -29.07 -12.86 -25.00
N MET B 228 -28.33 -12.18 -25.90
CA MET B 228 -27.36 -12.82 -26.79
C MET B 228 -26.28 -13.54 -25.99
N VAL B 229 -25.54 -12.81 -25.15
CA VAL B 229 -24.48 -13.42 -24.34
C VAL B 229 -25.00 -14.62 -23.55
N GLY B 230 -26.25 -14.53 -23.07
CA GLY B 230 -26.80 -15.63 -22.29
C GLY B 230 -26.87 -16.94 -23.07
N ARG B 231 -27.49 -16.91 -24.25
CA ARG B 231 -27.48 -18.08 -25.12
C ARG B 231 -26.18 -18.23 -25.89
N GLY B 232 -25.32 -17.22 -25.88
CA GLY B 232 -24.02 -17.34 -26.50
C GLY B 232 -23.88 -16.77 -27.89
N TYR B 233 -24.86 -16.00 -28.37
CA TYR B 233 -24.80 -15.48 -29.73
C TYR B 233 -23.94 -14.23 -29.86
N LEU B 234 -23.08 -13.88 -28.91
CA LEU B 234 -22.39 -12.59 -28.98
C LEU B 234 -21.17 -12.57 -28.08
N SER B 235 -20.00 -12.31 -28.66
CA SER B 235 -18.78 -12.05 -27.92
C SER B 235 -18.03 -10.92 -28.60
N PRO B 236 -17.31 -10.08 -27.83
CA PRO B 236 -16.70 -8.87 -28.40
C PRO B 236 -15.83 -9.09 -29.62
N ASP B 237 -15.61 -8.03 -30.40
CA ASP B 237 -14.81 -8.08 -31.62
C ASP B 237 -13.33 -7.98 -31.26
N LEU B 238 -12.62 -9.10 -31.33
CA LEU B 238 -11.19 -9.05 -31.05
C LEU B 238 -10.40 -8.43 -32.20
N SER B 239 -11.07 -7.90 -33.22
CA SER B 239 -10.43 -7.27 -34.36
C SER B 239 -10.60 -5.76 -34.37
N LYS B 240 -11.18 -5.19 -33.31
CA LYS B 240 -11.16 -3.75 -33.12
C LYS B 240 -9.94 -3.29 -32.34
N VAL B 241 -9.10 -4.24 -31.91
CA VAL B 241 -7.93 -3.91 -31.11
C VAL B 241 -7.00 -3.01 -31.91
N ARG B 242 -6.31 -2.12 -31.20
CA ARG B 242 -5.39 -1.18 -31.82
C ARG B 242 -4.29 -1.92 -32.56
N SER B 243 -3.78 -1.28 -33.62
CA SER B 243 -2.81 -1.90 -34.52
C SER B 243 -1.61 -2.49 -33.78
N ASN B 244 -1.04 -1.73 -32.86
CA ASN B 244 0.17 -2.15 -32.16
C ASN B 244 -0.10 -3.08 -30.98
N CYS B 245 -1.29 -3.66 -30.90
CA CYS B 245 -1.57 -4.65 -29.86
C CYS B 245 -0.75 -5.90 -30.13
N PRO B 246 0.00 -6.40 -29.13
CA PRO B 246 0.81 -7.60 -29.36
C PRO B 246 -0.04 -8.81 -29.73
N LYS B 247 0.59 -9.74 -30.45
CA LYS B 247 -0.12 -10.91 -30.93
C LYS B 247 -0.52 -11.84 -29.79
N ALA B 248 0.34 -11.95 -28.76
CA ALA B 248 0.00 -12.77 -27.60
C ALA B 248 -1.18 -12.21 -26.84
N MET B 249 -1.37 -10.88 -26.86
CA MET B 249 -2.51 -10.28 -26.19
C MET B 249 -3.83 -10.69 -26.86
N LYS B 250 -3.85 -10.70 -28.19
CA LYS B 250 -5.02 -11.20 -28.91
C LYS B 250 -5.34 -12.64 -28.50
N ARG B 251 -4.32 -13.50 -28.45
CA ARG B 251 -4.52 -14.87 -28.01
C ARG B 251 -5.05 -14.92 -26.58
N LEU B 252 -4.47 -14.12 -25.69
CA LEU B 252 -4.89 -14.13 -24.29
C LEU B 252 -6.33 -13.66 -24.14
N MET B 253 -6.70 -12.59 -24.84
CA MET B 253 -8.09 -12.13 -24.83
C MET B 253 -9.04 -13.24 -25.26
N ALA B 254 -8.71 -13.94 -26.36
CA ALA B 254 -9.57 -15.01 -26.84
C ALA B 254 -9.72 -16.13 -25.82
N GLU B 255 -8.65 -16.43 -25.08
CA GLU B 255 -8.72 -17.51 -24.10
C GLU B 255 -9.57 -17.13 -22.91
N CYS B 256 -9.47 -15.88 -22.44
CA CYS B 256 -10.25 -15.45 -21.29
C CYS B 256 -11.73 -15.30 -21.63
N LEU B 257 -12.03 -14.84 -22.84
CA LEU B 257 -13.41 -14.58 -23.26
C LEU B 257 -14.10 -15.79 -23.86
N LYS B 258 -13.56 -16.99 -23.68
CA LYS B 258 -14.21 -18.17 -24.21
C LYS B 258 -15.55 -18.40 -23.51
N LYS B 259 -16.53 -18.88 -24.28
CA LYS B 259 -17.88 -19.05 -23.77
C LYS B 259 -17.95 -20.17 -22.73
N LYS B 260 -17.45 -21.35 -23.10
CA LYS B 260 -17.51 -22.50 -22.20
C LYS B 260 -16.68 -22.22 -20.96
N ARG B 261 -17.26 -22.47 -19.79
CA ARG B 261 -16.61 -22.19 -18.52
C ARG B 261 -15.21 -22.79 -18.43
N ASP B 262 -15.11 -24.12 -18.55
CA ASP B 262 -13.88 -24.83 -18.25
C ASP B 262 -12.75 -24.53 -19.23
N GLU B 263 -13.05 -23.89 -20.35
CA GLU B 263 -12.06 -23.64 -21.39
C GLU B 263 -11.37 -22.29 -21.25
N ARG B 264 -11.56 -21.59 -20.09
CA ARG B 264 -10.88 -20.35 -19.76
C ARG B 264 -9.65 -20.64 -18.91
N PRO B 265 -8.58 -19.86 -19.05
CA PRO B 265 -7.36 -20.10 -18.27
C PRO B 265 -7.45 -19.48 -16.88
N LEU B 266 -6.80 -20.15 -15.94
CA LEU B 266 -6.67 -19.59 -14.60
C LEU B 266 -5.65 -18.45 -14.61
N PHE B 267 -5.74 -17.58 -13.61
CA PHE B 267 -4.86 -16.44 -13.54
C PHE B 267 -3.38 -16.78 -13.39
N PRO B 268 -2.97 -17.88 -12.75
CA PRO B 268 -1.56 -18.27 -12.82
C PRO B 268 -1.01 -18.35 -14.24
N GLN B 269 -1.80 -18.88 -15.18
CA GLN B 269 -1.40 -18.91 -16.58
C GLN B 269 -1.51 -17.54 -17.22
N ILE B 270 -2.58 -16.80 -16.89
CA ILE B 270 -2.75 -15.44 -17.40
C ILE B 270 -1.57 -14.56 -16.97
N LEU B 271 -1.30 -14.52 -15.66
CA LEU B 271 -0.19 -13.73 -15.13
C LEU B 271 1.12 -14.10 -15.81
N ALA B 272 1.38 -15.40 -15.97
CA ALA B 272 2.62 -15.84 -16.59
C ALA B 272 2.70 -15.38 -18.05
N SER B 273 1.56 -15.39 -18.75
CA SER B 273 1.55 -14.97 -20.15
C SER B 273 1.84 -13.48 -20.27
N ILE B 274 1.27 -12.66 -19.37
CA ILE B 274 1.49 -11.22 -19.45
C ILE B 274 2.88 -10.86 -18.97
N GLU B 275 3.35 -11.49 -17.88
CA GLU B 275 4.69 -11.18 -17.37
C GLU B 275 5.79 -11.57 -18.36
N LEU B 276 5.49 -12.40 -19.35
CA LEU B 276 6.43 -12.67 -20.42
C LEU B 276 6.27 -11.71 -21.59
N LEU B 277 5.04 -11.26 -21.84
CA LEU B 277 4.81 -10.29 -22.91
C LEU B 277 5.42 -8.94 -22.55
N ALA B 278 5.30 -8.53 -21.28
CA ALA B 278 5.84 -7.24 -20.84
C ALA B 278 7.35 -7.19 -21.01
N ARG B 279 8.03 -8.32 -20.77
CA ARG B 279 9.49 -8.35 -20.91
C ARG B 279 9.91 -8.23 -22.38
N SER B 280 9.13 -8.78 -23.30
CA SER B 280 9.41 -8.67 -24.73
C SER B 280 9.31 -7.22 -25.19
#